data_4HQX
#
_entry.id   4HQX
#
_cell.length_a   59.430
_cell.length_b   59.430
_cell.length_c   168.160
_cell.angle_alpha   90.00
_cell.angle_beta   90.00
_cell.angle_gamma   90.00
#
_symmetry.space_group_name_H-M   'P 41 21 2'
#
loop_
_entity.id
_entity.type
_entity.pdbx_description
1 polymer 'Platelet-derived growth factor subunit B'
2 polymer 'SOMAmer SL4'
3 non-polymer 'SODIUM ION'
4 non-polymer 'MAGNESIUM ION'
5 water water
#
loop_
_entity_poly.entity_id
_entity_poly.type
_entity_poly.pdbx_seq_one_letter_code
_entity_poly.pdbx_strand_id
1 'polypeptide(L)'
;SLGSLTIAEPAMIAECKTRTEVFEISRRLIDRTNANFLVWPPCVEVQRCSGCCNNRNVQCRPTQVQLRPVQVRKIEIVRK
KPIFKKATVTLEDHLACKCETV
;
A
2 'polydeoxyribonucleotide'
;(DUZ)(DUZ)(A2M)(DC)(PE6)(DG)(DUZ)(UBI)(DA)(DC)(A2M)(DC)(DG)(DC)(DG)(DUZ)(UPE)
(18Q)(DA)(DUZ)(A2M)(DG)(DC)(18M)
;
C
#
# COMPACT_ATOMS: atom_id res chain seq x y z
N ILE A 7 -16.80 -27.48 -19.77
CA ILE A 7 -17.28 -27.53 -18.36
C ILE A 7 -17.30 -26.14 -17.72
N ALA A 8 -18.41 -25.82 -17.04
CA ALA A 8 -18.51 -24.61 -16.24
C ALA A 8 -18.52 -24.97 -14.77
N GLU A 9 -17.42 -24.67 -14.09
CA GLU A 9 -17.24 -24.98 -12.67
C GLU A 9 -18.17 -24.15 -11.80
N PRO A 10 -18.55 -24.67 -10.63
CA PRO A 10 -19.29 -23.83 -9.69
C PRO A 10 -18.43 -22.60 -9.35
N ALA A 11 -19.04 -21.43 -9.38
CA ALA A 11 -18.38 -20.21 -8.91
C ALA A 11 -18.11 -20.38 -7.42
N MET A 12 -16.92 -19.96 -6.97
CA MET A 12 -16.56 -19.98 -5.55
C MET A 12 -16.48 -18.55 -5.03
N ILE A 13 -16.89 -18.36 -3.78
CA ILE A 13 -16.91 -17.02 -3.22
C ILE A 13 -15.49 -16.47 -2.99
N ALA A 14 -15.25 -15.23 -3.40
CA ALA A 14 -14.04 -14.51 -3.00
C ALA A 14 -14.27 -14.13 -1.55
N GLU A 15 -13.75 -14.93 -0.64
CA GLU A 15 -13.96 -14.69 0.78
C GLU A 15 -13.16 -13.49 1.27
N CYS A 16 -13.57 -12.99 2.43
CA CYS A 16 -12.95 -11.86 3.08
C CYS A 16 -11.64 -12.33 3.68
N LYS A 17 -10.54 -11.83 3.13
CA LYS A 17 -9.20 -12.20 3.58
C LYS A 17 -8.14 -11.26 2.99
N THR A 18 -6.87 -11.48 3.37
CA THR A 18 -5.77 -10.70 2.83
C THR A 18 -5.36 -11.19 1.45
N ARG A 19 -5.14 -10.23 0.55
CA ARG A 19 -4.60 -10.47 -0.77
C ARG A 19 -3.55 -9.37 -1.06
N THR A 20 -2.67 -9.65 -2.00
CA THR A 20 -1.62 -8.72 -2.41
C THR A 20 -2.20 -7.60 -3.28
N GLU A 21 -2.03 -6.35 -2.86
CA GLU A 21 -2.46 -5.20 -3.67
C GLU A 21 -1.31 -4.23 -4.03
N VAL A 22 -1.49 -3.43 -5.07
CA VAL A 22 -0.45 -2.48 -5.46
C VAL A 22 -0.67 -1.16 -4.71
N PHE A 23 0.37 -0.73 -3.99
CA PHE A 23 0.36 0.53 -3.27
C PHE A 23 1.27 1.52 -3.99
N GLU A 24 0.73 2.68 -4.33
CA GLU A 24 1.52 3.73 -4.91
C GLU A 24 2.18 4.53 -3.78
N ILE A 25 3.49 4.72 -3.89
CA ILE A 25 4.22 5.50 -2.89
C ILE A 25 3.93 6.97 -3.13
N SER A 26 3.48 7.63 -2.08
CA SER A 26 3.04 9.01 -2.13
C SER A 26 4.24 9.93 -1.94
N ARG A 27 4.49 10.78 -2.93
CA ARG A 27 5.58 11.75 -2.80
C ARG A 27 5.25 12.79 -1.73
N ARG A 28 3.97 13.13 -1.66
CA ARG A 28 3.43 14.02 -0.63
C ARG A 28 3.90 13.60 0.76
N LEU A 29 3.88 12.31 1.07
CA LEU A 29 4.30 11.91 2.42
C LEU A 29 5.81 11.92 2.61
N ILE A 30 6.56 11.71 1.52
CA ILE A 30 8.01 11.85 1.57
C ILE A 30 8.43 13.29 1.89
N ASP A 31 7.85 14.24 1.17
CA ASP A 31 8.07 15.65 1.46
C ASP A 31 6.89 16.47 0.99
N ARG A 32 6.20 17.11 1.95
CA ARG A 32 5.07 17.97 1.62
C ARG A 32 5.47 19.41 1.28
N THR A 33 6.69 19.82 1.63
CA THR A 33 7.10 21.23 1.52
C THR A 33 8.09 21.58 0.39
N ASN A 34 8.52 20.57 -0.38
CA ASN A 34 9.37 20.78 -1.56
C ASN A 34 8.95 19.83 -2.68
N ALA A 35 9.06 20.29 -3.92
CA ALA A 35 8.56 19.54 -5.09
C ALA A 35 9.69 19.01 -5.96
N ASN A 36 10.89 19.52 -5.75
CA ASN A 36 12.03 19.27 -6.64
C ASN A 36 12.71 17.90 -6.45
N PHE A 37 11.93 16.83 -6.35
CA PHE A 37 12.52 15.51 -6.13
C PHE A 37 11.84 14.37 -6.88
N LEU A 38 12.59 13.29 -7.03
CA LEU A 38 12.11 12.06 -7.61
C LEU A 38 12.34 10.95 -6.62
N VAL A 39 11.51 9.90 -6.72
CA VAL A 39 11.58 8.74 -5.83
CA VAL A 39 11.63 8.73 -5.85
C VAL A 39 11.54 7.47 -6.68
N TRP A 40 12.16 6.41 -6.18
CA TRP A 40 12.10 5.11 -6.80
C TRP A 40 12.19 4.04 -5.74
N PRO A 41 11.35 2.98 -5.85
CA PRO A 41 10.32 2.72 -6.88
C PRO A 41 9.02 3.52 -6.63
N PRO A 42 8.15 3.64 -7.66
CA PRO A 42 6.88 4.35 -7.49
C PRO A 42 5.76 3.52 -6.81
N CYS A 43 5.87 2.19 -6.82
CA CYS A 43 4.84 1.31 -6.27
C CYS A 43 5.40 0.06 -5.64
N VAL A 44 4.77 -0.40 -4.57
CA VAL A 44 5.16 -1.63 -3.88
C VAL A 44 3.95 -2.49 -3.54
N GLU A 45 4.20 -3.78 -3.35
CA GLU A 45 3.17 -4.71 -2.93
C GLU A 45 2.88 -4.55 -1.46
N VAL A 46 1.59 -4.57 -1.13
CA VAL A 46 1.17 -4.63 0.25
C VAL A 46 0.07 -5.69 0.36
N GLN A 47 -0.22 -6.12 1.59
CA GLN A 47 -1.30 -7.05 1.85
C GLN A 47 -2.52 -6.24 2.33
N ARG A 48 -3.67 -6.52 1.71
CA ARG A 48 -4.90 -5.82 2.04
C ARG A 48 -6.09 -6.78 2.18
N CYS A 49 -6.98 -6.45 3.12
CA CYS A 49 -8.25 -7.17 3.26
C CYS A 49 -9.11 -6.91 2.04
N SER A 50 -9.57 -7.96 1.38
CA SER A 50 -10.57 -7.82 0.32
C SER A 50 -11.55 -9.00 0.32
N GLY A 51 -12.59 -8.90 -0.49
CA GLY A 51 -13.52 -10.00 -0.63
C GLY A 51 -14.90 -9.58 -0.15
N CYS A 52 -15.82 -10.53 -0.18
CA CYS A 52 -17.23 -10.23 0.08
C CYS A 52 -17.81 -11.08 1.17
N CYS A 53 -18.48 -10.41 2.10
CA CYS A 53 -19.19 -11.03 3.20
C CYS A 53 -20.63 -11.45 2.79
N ASN A 54 -21.32 -12.18 3.68
CA ASN A 54 -22.69 -12.68 3.46
C ASN A 54 -23.70 -11.66 2.98
N ASN A 55 -23.65 -10.46 3.55
CA ASN A 55 -24.65 -9.42 3.30
C ASN A 55 -24.05 -8.03 3.30
N ARG A 56 -24.89 -7.02 3.10
CA ARG A 56 -24.44 -5.63 2.98
C ARG A 56 -24.50 -4.81 4.27
N ASN A 57 -24.85 -5.46 5.38
CA ASN A 57 -24.77 -4.82 6.69
C ASN A 57 -23.37 -4.94 7.28
N VAL A 58 -22.52 -5.72 6.61
CA VAL A 58 -21.13 -5.91 7.06
C VAL A 58 -20.11 -5.71 5.93
N GLN A 59 -18.98 -5.11 6.30
CA GLN A 59 -17.89 -4.84 5.37
C GLN A 59 -16.67 -5.66 5.79
N CYS A 60 -15.79 -5.95 4.84
CA CYS A 60 -14.57 -6.72 5.11
C CYS A 60 -13.43 -5.84 5.61
N ARG A 61 -13.19 -5.81 6.93
CA ARG A 61 -12.26 -4.87 7.58
C ARG A 61 -11.07 -5.58 8.22
N PRO A 62 -9.92 -4.87 8.34
CA PRO A 62 -8.76 -5.50 9.00
C PRO A 62 -8.94 -5.62 10.52
N THR A 63 -8.47 -6.73 11.08
CA THR A 63 -8.47 -6.93 12.54
C THR A 63 -7.10 -6.67 13.15
N GLN A 64 -6.02 -7.09 12.48
CA GLN A 64 -4.67 -6.69 12.89
C GLN A 64 -3.79 -6.24 11.71
N VAL A 65 -3.02 -5.18 11.93
CA VAL A 65 -2.18 -4.55 10.89
C VAL A 65 -0.70 -4.50 11.28
N GLN A 66 0.19 -4.70 10.31
CA GLN A 66 1.64 -4.74 10.52
C GLN A 66 2.34 -3.57 9.82
N LEU A 67 2.80 -2.58 10.59
CA LEU A 67 3.65 -1.51 10.03
C LEU A 67 4.98 -2.07 9.51
N ARG A 68 5.37 -1.61 8.32
CA ARG A 68 6.56 -2.13 7.65
C ARG A 68 7.30 -0.97 6.99
N PRO A 69 8.48 -0.62 7.51
CA PRO A 69 9.21 0.47 6.90
C PRO A 69 10.03 -0.03 5.71
N VAL A 70 10.02 0.73 4.63
CA VAL A 70 10.87 0.43 3.48
C VAL A 70 11.66 1.67 3.05
N GLN A 71 12.84 1.41 2.52
CA GLN A 71 13.80 2.42 2.12
C GLN A 71 13.59 2.67 0.64
N VAL A 72 13.23 3.89 0.28
CA VAL A 72 13.12 4.23 -1.13
C VAL A 72 14.26 5.15 -1.53
N ARG A 73 14.67 5.03 -2.79
CA ARG A 73 15.70 5.91 -3.33
C ARG A 73 15.11 7.27 -3.68
N LYS A 74 15.85 8.33 -3.36
CA LYS A 74 15.38 9.70 -3.61
C LYS A 74 16.46 10.56 -4.29
N ILE A 75 16.06 11.31 -5.31
CA ILE A 75 16.95 12.27 -5.95
C ILE A 75 16.37 13.68 -5.78
N GLU A 76 17.08 14.53 -5.05
CA GLU A 76 16.71 15.94 -5.04
C GLU A 76 17.43 16.64 -6.18
N ILE A 77 16.69 17.40 -7.00
CA ILE A 77 17.29 18.10 -8.13
C ILE A 77 17.54 19.55 -7.76
N VAL A 78 18.83 19.90 -7.74
CA VAL A 78 19.26 21.21 -7.29
C VAL A 78 20.10 21.82 -8.42
N ARG A 79 19.61 22.93 -8.96
CA ARG A 79 20.16 23.56 -10.15
C ARG A 79 20.54 22.53 -11.19
N LYS A 80 19.59 21.66 -11.52
CA LYS A 80 19.74 20.62 -12.56
C LYS A 80 20.71 19.47 -12.23
N LYS A 81 21.25 19.43 -11.00
CA LYS A 81 22.15 18.34 -10.58
C LYS A 81 21.50 17.47 -9.50
N PRO A 82 21.75 16.16 -9.51
CA PRO A 82 21.10 15.26 -8.55
C PRO A 82 21.84 15.07 -7.24
N ILE A 83 21.12 15.21 -6.14
CA ILE A 83 21.63 14.86 -4.83
C ILE A 83 20.95 13.57 -4.41
N PHE A 84 21.75 12.53 -4.18
CA PHE A 84 21.21 11.23 -3.83
C PHE A 84 20.95 11.14 -2.34
N LYS A 85 19.74 10.69 -2.01
CA LYS A 85 19.28 10.55 -0.64
C LYS A 85 18.51 9.23 -0.51
N LYS A 86 18.21 8.85 0.73
CA LYS A 86 17.34 7.72 1.00
C LYS A 86 16.20 8.18 1.89
N ALA A 87 14.99 7.73 1.60
CA ALA A 87 13.85 8.05 2.44
C ALA A 87 13.21 6.76 2.94
N THR A 88 12.59 6.84 4.12
CA THR A 88 11.92 5.69 4.70
C THR A 88 10.41 5.90 4.59
N VAL A 89 9.73 4.96 3.92
CA VAL A 89 8.26 4.98 3.86
C VAL A 89 7.73 3.85 4.74
N THR A 90 6.80 4.18 5.62
CA THR A 90 6.19 3.17 6.50
C THR A 90 4.95 2.58 5.82
N LEU A 91 5.07 1.37 5.31
CA LEU A 91 3.93 0.66 4.72
C LEU A 91 3.03 0.04 5.79
N GLU A 92 1.74 -0.07 5.48
CA GLU A 92 0.80 -0.83 6.31
C GLU A 92 0.28 -2.09 5.62
N ASP A 93 0.64 -3.24 6.16
CA ASP A 93 0.08 -4.52 5.73
C ASP A 93 -1.12 -4.88 6.61
N HIS A 94 -2.16 -5.44 5.98
CA HIS A 94 -3.23 -6.09 6.73
C HIS A 94 -2.81 -7.51 7.01
N LEU A 95 -2.88 -7.92 8.27
CA LEU A 95 -2.48 -9.28 8.68
C LEU A 95 -3.67 -10.23 8.81
N ALA A 96 -4.82 -9.69 9.21
CA ALA A 96 -6.06 -10.46 9.31
C ALA A 96 -7.29 -9.58 9.14
N CYS A 97 -8.37 -10.20 8.64
CA CYS A 97 -9.63 -9.53 8.36
C CYS A 97 -10.80 -10.34 8.90
N LYS A 98 -11.89 -9.65 9.21
CA LYS A 98 -13.18 -10.27 9.48
C LYS A 98 -14.28 -9.38 8.90
N CYS A 99 -15.43 -9.98 8.62
CA CYS A 99 -16.62 -9.24 8.22
C CYS A 99 -17.19 -8.56 9.46
N GLU A 100 -17.55 -7.27 9.33
CA GLU A 100 -17.67 -6.40 10.49
C GLU A 100 -18.80 -5.37 10.41
N THR A 101 -19.28 -4.98 11.59
CA THR A 101 -20.36 -3.99 11.82
C THR A 101 -21.70 -4.34 11.16
#